data_3TK5
#
_entry.id   3TK5
#
_cell.length_a   56.278
_cell.length_b   71.928
_cell.length_c   78.775
_cell.angle_alpha   90.00
_cell.angle_beta   90.00
_cell.angle_gamma   90.00
#
_symmetry.space_group_name_H-M   'P 21 21 21'
#
loop_
_entity.id
_entity.type
_entity.pdbx_description
1 polymer 'Factor X heavy chain'
2 polymer 'Factor X light chain'
3 non-polymer 'CALCIUM ION'
4 non-polymer '4-{3-[(4-chlorophenyl)amino]-3-oxopropyl}-3-({[5-(propan-2-yl)-4,5,6,7-tetrahydro[1,3]thiazolo[5,4-c]pyridin-2-yl]carbonyl}amino)benzoic acid'
5 water water
#
loop_
_entity_poly.entity_id
_entity_poly.type
_entity_poly.pdbx_seq_one_letter_code
_entity_poly.pdbx_strand_id
1 'polypeptide(L)'
;IVGGQECKDGECPWQALLINEENEGFCGGTILSEFYILTAAHCLYQAKRFKVRVGDRNTEQEEGGEAVHEVEVVIKHNRF
TKETYDFDIAVLRLKTPITFRMNVAPACLPERDWAESTLMTQKTGIVSGFGRTHEKGRQSTRLKMLEVPYVDRNSCKLSS
SFIITQNMFCAGYDTKQEDACQGDSGGPHVTRFKDTYFVTGIVSWGEGCARKGKYGIYTKVTAFLKWIDRSMK
;
A
2 'polypeptide(L)' TRKLCSLDNGDCDQFCHEEQNSVVCSCARGYTLADNGKACIPTGPYPCGKQTLE B
#
loop_
_chem_comp.id
_chem_comp.type
_chem_comp.name
_chem_comp.formula
CA non-polymer 'CALCIUM ION' 'Ca 2'
D1Q non-polymer '4-{3-[(4-chlorophenyl)amino]-3-oxopropyl}-3-({[5-(propan-2-yl)-4,5,6,7-tetrahydro[1,3]thiazolo[5,4-c]pyridin-2-yl]carbonyl}amino)benzoic acid' 'C26 H27 Cl N4 O4 S'
#
# COMPACT_ATOMS: atom_id res chain seq x y z
N ILE A 1 3.78 -13.54 1.46
CA ILE A 1 3.94 -13.10 2.89
C ILE A 1 4.46 -14.24 3.75
N VAL A 2 5.57 -13.98 4.44
CA VAL A 2 6.13 -14.92 5.42
C VAL A 2 5.60 -14.53 6.80
N GLY A 3 5.01 -15.50 7.50
CA GLY A 3 4.42 -15.23 8.80
C GLY A 3 3.10 -14.50 8.65
N GLY A 4 2.78 -13.67 9.64
CA GLY A 4 1.56 -12.87 9.58
C GLY A 4 0.30 -13.72 9.58
N GLN A 5 -0.79 -13.14 9.13
CA GLN A 5 -2.10 -13.79 9.22
C GLN A 5 -2.85 -13.74 7.90
N GLU A 6 -3.89 -14.57 7.79
CA GLU A 6 -4.87 -14.44 6.71
C GLU A 6 -5.51 -13.07 6.79
N CYS A 7 -5.80 -12.46 5.65
CA CYS A 7 -6.77 -11.38 5.67
C CYS A 7 -8.13 -12.04 5.85
N LYS A 8 -8.84 -11.63 6.90
CA LYS A 8 -10.17 -12.13 7.14
C LYS A 8 -11.18 -11.30 6.34
N ASP A 9 -12.41 -11.81 6.22
CA ASP A 9 -13.38 -11.21 5.35
C ASP A 9 -13.42 -9.70 5.56
N GLY A 10 -13.21 -8.94 4.49
CA GLY A 10 -13.32 -7.48 4.56
C GLY A 10 -12.09 -6.70 5.03
N GLU A 11 -11.05 -7.41 5.50
CA GLU A 11 -9.90 -6.78 6.13
C GLU A 11 -8.87 -6.12 5.21
N CYS A 12 -8.77 -6.58 3.97
CA CYS A 12 -7.74 -6.07 3.06
C CYS A 12 -8.38 -5.77 1.71
N PRO A 13 -9.44 -4.93 1.70
CA PRO A 13 -10.27 -4.77 0.49
C PRO A 13 -9.59 -4.01 -0.65
N TRP A 14 -8.48 -3.31 -0.33
CA TRP A 14 -7.66 -2.58 -1.30
C TRP A 14 -6.56 -3.42 -2.00
N GLN A 15 -6.46 -4.70 -1.66
CA GLN A 15 -5.56 -5.60 -2.38
C GLN A 15 -6.02 -5.77 -3.83
N ALA A 16 -5.10 -5.58 -4.78
CA ALA A 16 -5.26 -6.05 -6.14
C ALA A 16 -4.17 -7.08 -6.40
N LEU A 17 -4.41 -7.95 -7.39
CA LEU A 17 -3.48 -8.99 -7.85
C LEU A 17 -3.31 -8.91 -9.36
N LEU A 18 -2.08 -8.74 -9.82
CA LEU A 18 -1.82 -8.72 -11.26
C LEU A 18 -1.68 -10.17 -11.67
N ILE A 19 -2.51 -10.60 -12.62
CA ILE A 19 -2.52 -11.99 -13.07
C ILE A 19 -2.05 -12.09 -14.52
N ASN A 20 -1.22 -13.09 -14.81
CA ASN A 20 -0.75 -13.29 -16.18
C ASN A 20 -1.77 -14.05 -17.05
N GLU A 21 -1.41 -14.27 -18.31
CA GLU A 21 -2.27 -14.97 -19.29
C GLU A 21 -2.65 -16.40 -18.88
N GLU A 22 -1.89 -16.99 -17.96
CA GLU A 22 -2.23 -18.29 -17.39
C GLU A 22 -3.08 -18.20 -16.12
N ASN A 23 -3.46 -16.98 -15.73
CA ASN A 23 -4.26 -16.73 -14.51
C ASN A 23 -3.53 -16.90 -13.19
N GLU A 24 -2.21 -16.86 -13.25
CA GLU A 24 -1.38 -16.93 -12.06
C GLU A 24 -0.98 -15.51 -11.63
N GLY A 25 -1.06 -15.22 -10.34
CA GLY A 25 -0.59 -13.94 -9.81
C GLY A 25 0.93 -13.85 -9.87
N PHE A 26 1.46 -12.67 -10.16
CA PHE A 26 2.91 -12.47 -10.17
C PHE A 26 3.32 -11.21 -9.42
N CYS A 27 2.34 -10.38 -9.08
CA CYS A 27 2.58 -9.11 -8.38
C CYS A 27 1.29 -8.61 -7.78
N GLY A 28 1.42 -7.69 -6.82
CA GLY A 28 0.27 -7.12 -6.13
C GLY A 28 0.05 -5.71 -6.62
N GLY A 29 -1.01 -5.09 -6.11
CA GLY A 29 -1.35 -3.70 -6.37
C GLY A 29 -2.26 -3.20 -5.24
N THR A 30 -2.52 -1.88 -5.25
CA THR A 30 -3.42 -1.24 -4.28
C THR A 30 -4.48 -0.49 -5.06
N ILE A 31 -5.74 -0.70 -4.69
CA ILE A 31 -6.82 0.06 -5.26
C ILE A 31 -6.80 1.47 -4.71
N LEU A 32 -6.70 2.43 -5.63
CA LEU A 32 -6.65 3.87 -5.32
C LEU A 32 -8.02 4.53 -5.55
N SER A 33 -8.75 4.06 -6.56
CA SER A 33 -10.09 4.55 -6.86
C SER A 33 -10.74 3.55 -7.84
N GLU A 34 -11.98 3.81 -8.25
CA GLU A 34 -12.70 2.93 -9.16
C GLU A 34 -11.92 2.60 -10.44
N PHE A 35 -11.05 3.53 -10.85
CA PHE A 35 -10.28 3.38 -12.10
C PHE A 35 -8.77 3.11 -11.97
N TYR A 36 -8.17 3.34 -10.80
CA TYR A 36 -6.71 3.31 -10.71
C TYR A 36 -6.12 2.34 -9.71
N ILE A 37 -5.09 1.65 -10.16
CA ILE A 37 -4.35 0.66 -9.37
C ILE A 37 -2.91 1.15 -9.20
N LEU A 38 -2.41 1.14 -7.97
CA LEU A 38 -1.01 1.47 -7.71
C LEU A 38 -0.20 0.20 -7.62
N THR A 39 0.94 0.18 -8.30
CA THR A 39 1.83 -0.97 -8.29
C THR A 39 3.32 -0.60 -8.49
N ALA A 40 4.20 -1.60 -8.57
CA ALA A 40 5.63 -1.35 -8.75
C ALA A 40 5.95 -1.34 -10.21
N ALA A 41 6.80 -0.39 -10.60
CA ALA A 41 7.31 -0.30 -11.96
C ALA A 41 7.94 -1.61 -12.44
N HIS A 42 8.70 -2.27 -11.56
CA HIS A 42 9.41 -3.49 -11.93
C HIS A 42 8.48 -4.69 -12.19
N CYS A 43 7.23 -4.60 -11.74
CA CYS A 43 6.28 -5.66 -12.00
C CYS A 43 5.89 -5.73 -13.47
N LEU A 44 6.00 -4.61 -14.15
CA LEU A 44 5.58 -4.48 -15.54
C LEU A 44 6.48 -5.23 -16.50
N TYR A 45 7.66 -5.59 -16.02
CA TYR A 45 8.58 -6.41 -16.79
C TYR A 45 8.34 -7.91 -16.59
N GLN A 46 7.46 -8.26 -15.64
CA GLN A 46 7.24 -9.66 -15.26
C GLN A 46 6.16 -10.39 -16.08
N ALA A 47 5.61 -9.72 -17.09
CA ALA A 47 4.64 -10.35 -18.00
C ALA A 47 4.29 -9.47 -19.19
N LYS A 48 4.04 -10.11 -20.34
CA LYS A 48 3.68 -9.40 -21.58
C LYS A 48 2.29 -8.82 -21.44
N ARG A 49 1.31 -9.67 -21.16
CA ARG A 49 -0.07 -9.24 -20.99
C ARG A 49 -0.54 -9.67 -19.61
N PHE A 50 -1.18 -8.75 -18.90
CA PHE A 50 -1.76 -9.06 -17.59
C PHE A 50 -3.07 -8.31 -17.35
N LYS A 51 -3.84 -8.81 -16.39
CA LYS A 51 -5.06 -8.17 -15.93
C LYS A 51 -4.95 -7.89 -14.43
N VAL A 52 -5.97 -7.26 -13.89
CA VAL A 52 -6.01 -7.02 -12.46
C VAL A 52 -7.23 -7.69 -11.83
N ARG A 53 -6.97 -8.44 -10.75
CA ARG A 53 -8.04 -9.12 -9.99
C ARG A 53 -8.21 -8.54 -8.60
N VAL A 54 -9.44 -8.17 -8.28
CA VAL A 54 -9.78 -7.60 -6.99
C VAL A 54 -10.84 -8.49 -6.29
N GLY A 55 -11.02 -8.30 -5.00
CA GLY A 55 -12.03 -9.06 -4.25
C GLY A 55 -11.70 -10.51 -4.01
N ASP A 56 -10.46 -10.93 -4.22
CA ASP A 56 -10.08 -12.33 -4.05
C ASP A 56 -9.32 -12.52 -2.75
N ARG A 57 -9.69 -13.54 -1.98
CA ARG A 57 -8.96 -13.88 -0.76
C ARG A 57 -8.42 -15.31 -0.78
N ASN A 58 -9.12 -16.18 -1.52
CA ASN A 58 -8.77 -17.58 -1.68
C ASN A 58 -8.78 -17.89 -3.17
N THR A 59 -7.61 -18.10 -3.77
CA THR A 59 -7.46 -18.29 -5.22
C THR A 59 -8.00 -19.64 -5.69
N GLU A 60 -8.22 -20.54 -4.74
CA GLU A 60 -8.68 -21.89 -5.05
C GLU A 60 -10.20 -22.03 -5.00
N GLN A 61 -10.91 -20.95 -4.66
CA GLN A 61 -12.36 -21.01 -4.41
C GLN A 61 -13.07 -19.74 -4.85
N GLU A 62 -14.20 -19.88 -5.55
CA GLU A 62 -15.03 -18.74 -5.90
C GLU A 62 -15.92 -18.26 -4.73
N GLU A 63 -15.56 -17.11 -4.17
CA GLU A 63 -16.25 -16.59 -2.98
C GLU A 63 -17.33 -15.58 -3.36
N GLY A 64 -17.46 -15.34 -4.67
CA GLY A 64 -18.50 -14.47 -5.21
C GLY A 64 -18.02 -13.06 -5.53
N GLY A 65 -17.20 -12.50 -4.65
CA GLY A 65 -16.84 -11.08 -4.75
C GLY A 65 -15.80 -10.72 -5.80
N GLU A 66 -15.25 -11.73 -6.46
CA GLU A 66 -14.14 -11.54 -7.41
C GLU A 66 -14.50 -10.74 -8.66
N ALA A 67 -13.54 -9.94 -9.14
CA ALA A 67 -13.69 -9.19 -10.39
C ALA A 67 -12.34 -9.05 -11.06
N VAL A 68 -12.32 -9.39 -12.36
CA VAL A 68 -11.13 -9.22 -13.19
C VAL A 68 -11.32 -7.95 -14.01
N HIS A 69 -10.28 -7.13 -14.07
CA HIS A 69 -10.32 -5.91 -14.86
C HIS A 69 -9.16 -5.85 -15.81
N GLU A 70 -9.44 -5.36 -17.00
CA GLU A 70 -8.44 -5.15 -18.01
C GLU A 70 -7.76 -3.81 -17.82
N VAL A 71 -6.49 -3.77 -18.19
CA VAL A 71 -5.71 -2.57 -18.07
C VAL A 71 -5.84 -1.77 -19.36
N GLU A 72 -6.20 -0.51 -19.23
CA GLU A 72 -6.28 0.37 -20.37
C GLU A 72 -4.98 1.14 -20.61
N VAL A 73 -4.39 1.69 -19.54
CA VAL A 73 -3.14 2.44 -19.64
C VAL A 73 -2.17 2.05 -18.52
N VAL A 74 -0.91 1.83 -18.89
CA VAL A 74 0.15 1.60 -17.92
C VAL A 74 0.93 2.92 -17.80
N ILE A 75 0.92 3.50 -16.60
CA ILE A 75 1.70 4.72 -16.38
C ILE A 75 2.89 4.39 -15.46
N LYS A 76 4.05 4.21 -16.08
CA LYS A 76 5.25 3.86 -15.35
C LYS A 76 6.08 5.11 -15.07
N HIS A 77 6.71 5.21 -13.90
CA HIS A 77 7.61 6.36 -13.66
C HIS A 77 8.72 6.31 -14.69
N ASN A 78 8.96 7.44 -15.36
CA ASN A 78 9.98 7.48 -16.41
C ASN A 78 11.40 7.34 -15.88
N ARG A 79 11.61 7.73 -14.63
CA ARG A 79 12.91 7.60 -14.00
C ARG A 79 13.18 6.24 -13.35
N PHE A 80 12.31 5.24 -13.57
CA PHE A 80 12.58 3.88 -13.06
C PHE A 80 13.73 3.21 -13.77
N THR A 81 14.56 2.51 -13.01
CA THR A 81 15.67 1.73 -13.57
C THR A 81 15.85 0.39 -12.86
N LYS A 82 16.02 -0.67 -13.66
CA LYS A 82 16.25 -2.03 -13.13
C LYS A 82 17.55 -2.10 -12.35
N GLU A 83 18.51 -1.24 -12.71
CA GLU A 83 19.82 -1.21 -12.08
C GLU A 83 19.74 -1.00 -10.57
N THR A 84 18.91 -0.05 -10.14
CA THR A 84 18.87 0.35 -8.74
C THR A 84 17.53 0.07 -8.08
N TYR A 85 16.50 -0.21 -8.90
CA TYR A 85 15.08 -0.23 -8.47
C TYR A 85 14.58 1.09 -7.89
N ASP A 86 15.25 2.19 -8.24
CA ASP A 86 14.83 3.53 -7.85
C ASP A 86 13.61 3.93 -8.66
N PHE A 87 12.77 4.80 -8.10
CA PHE A 87 11.49 5.18 -8.73
C PHE A 87 10.64 3.96 -9.08
N ASP A 88 10.48 3.02 -8.14
CA ASP A 88 9.74 1.77 -8.38
C ASP A 88 8.25 1.99 -8.08
N ILE A 89 7.55 2.63 -9.02
CA ILE A 89 6.16 2.98 -8.88
C ILE A 89 5.50 3.05 -10.25
N ALA A 90 4.24 2.64 -10.32
CA ALA A 90 3.47 2.72 -11.54
C ALA A 90 2.01 2.73 -11.16
N VAL A 91 1.22 3.36 -12.00
CA VAL A 91 -0.20 3.48 -11.83
C VAL A 91 -0.83 2.83 -13.05
N LEU A 92 -1.90 2.07 -12.82
CA LEU A 92 -2.66 1.45 -13.91
C LEU A 92 -4.06 2.04 -14.01
N ARG A 93 -4.45 2.47 -15.21
CA ARG A 93 -5.86 2.83 -15.40
C ARG A 93 -6.60 1.66 -16.05
N LEU A 94 -7.73 1.28 -15.44
CA LEU A 94 -8.51 0.15 -15.90
C LEU A 94 -9.52 0.52 -16.99
N LYS A 95 -9.80 -0.43 -17.89
CA LYS A 95 -10.82 -0.23 -18.91
C LYS A 95 -12.19 0.07 -18.29
N THR A 96 -12.58 -0.72 -17.28
CA THR A 96 -13.89 -0.55 -16.66
C THR A 96 -13.72 -0.22 -15.17
N PRO A 97 -14.67 0.56 -14.59
CA PRO A 97 -14.49 1.00 -13.21
C PRO A 97 -14.75 -0.13 -12.22
N ILE A 98 -13.99 -0.15 -11.11
CA ILE A 98 -14.17 -1.18 -10.09
C ILE A 98 -15.46 -0.85 -9.33
N THR A 99 -16.30 -1.86 -9.13
CA THR A 99 -17.49 -1.71 -8.30
C THR A 99 -17.20 -2.09 -6.85
N PHE A 100 -17.12 -1.07 -6.01
CA PHE A 100 -16.82 -1.29 -4.62
C PHE A 100 -17.92 -2.10 -3.97
N ARG A 101 -17.51 -3.00 -3.09
CA ARG A 101 -18.38 -3.95 -2.41
C ARG A 101 -17.50 -4.60 -1.37
N MET A 102 -18.08 -5.57 -0.66
CA MET A 102 -17.37 -6.35 0.35
C MET A 102 -16.08 -6.87 -0.26
N ASN A 103 -14.95 -6.64 0.43
CA ASN A 103 -13.63 -7.06 -0.02
C ASN A 103 -13.09 -6.26 -1.23
N VAL A 104 -13.82 -5.23 -1.64
CA VAL A 104 -13.38 -4.38 -2.76
C VAL A 104 -13.56 -2.91 -2.41
N ALA A 105 -12.47 -2.23 -2.05
CA ALA A 105 -12.54 -0.83 -1.61
C ALA A 105 -11.16 -0.16 -1.63
N PRO A 106 -11.09 1.14 -1.93
CA PRO A 106 -9.80 1.83 -2.03
C PRO A 106 -9.16 2.18 -0.68
N ALA A 107 -7.84 2.30 -0.67
CA ALA A 107 -7.11 2.78 0.49
C ALA A 107 -6.96 4.29 0.28
N CYS A 108 -6.79 5.07 1.34
CA CYS A 108 -6.71 6.52 1.19
C CYS A 108 -5.28 6.95 0.89
N LEU A 109 -5.14 7.91 -0.01
CA LEU A 109 -3.88 8.60 -0.26
C LEU A 109 -3.74 9.70 0.76
N PRO A 110 -2.61 9.73 1.49
CA PRO A 110 -2.44 10.73 2.54
C PRO A 110 -1.90 12.02 1.95
N GLU A 111 -1.74 13.04 2.77
CA GLU A 111 -0.97 14.22 2.38
C GLU A 111 0.46 14.01 2.87
N ARG A 112 1.44 14.49 2.08
CA ARG A 112 2.87 14.22 2.33
C ARG A 112 3.38 14.49 3.74
N ASP A 113 3.29 15.75 4.17
CA ASP A 113 3.93 16.20 5.41
C ASP A 113 3.33 15.43 6.57
N TRP A 114 2.00 15.31 6.56
CA TRP A 114 1.31 14.62 7.63
C TRP A 114 1.64 13.11 7.65
N ALA A 115 1.64 12.47 6.48
CA ALA A 115 2.03 11.04 6.41
C ALA A 115 3.42 10.82 7.00
N GLU A 116 4.39 11.61 6.55
CA GLU A 116 5.76 11.50 7.01
C GLU A 116 5.96 11.81 8.50
N SER A 117 5.26 12.82 9.01
CA SER A 117 5.34 13.16 10.43
C SER A 117 4.54 12.20 11.30
N THR A 118 3.38 11.79 10.79
CA THR A 118 2.39 11.11 11.62
C THR A 118 2.16 9.64 11.30
N LEU A 119 2.13 9.28 10.02
CA LEU A 119 1.96 7.87 9.66
C LEU A 119 3.25 7.10 9.80
N MET A 120 4.33 7.65 9.25
CA MET A 120 5.58 6.91 9.16
C MET A 120 6.36 6.92 10.44
N THR A 121 5.81 7.55 11.47
CA THR A 121 6.40 7.55 12.79
C THR A 121 5.62 6.63 13.71
N GLN A 122 4.54 6.02 13.21
CA GLN A 122 3.82 4.96 13.94
C GLN A 122 4.74 3.74 14.08
N LYS A 123 4.42 2.85 15.02
CA LYS A 123 5.27 1.68 15.26
C LYS A 123 5.36 0.84 13.98
N THR A 124 4.20 0.54 13.40
CA THR A 124 4.10 -0.48 12.35
C THR A 124 3.30 -0.04 11.12
N GLY A 125 3.60 -0.69 9.99
CA GLY A 125 2.72 -0.68 8.84
C GLY A 125 2.16 -2.08 8.57
N ILE A 126 1.33 -2.18 7.55
CA ILE A 126 0.74 -3.46 7.15
C ILE A 126 0.98 -3.69 5.66
N VAL A 127 1.67 -4.79 5.38
CA VAL A 127 1.95 -5.24 4.03
C VAL A 127 1.06 -6.47 3.81
N SER A 128 0.59 -6.67 2.58
CA SER A 128 -0.28 -7.83 2.29
C SER A 128 -0.07 -8.35 0.89
N GLY A 129 -0.44 -9.62 0.66
CA GLY A 129 -0.30 -10.25 -0.65
C GLY A 129 -0.46 -11.76 -0.74
N PHE A 130 -0.44 -12.27 -1.97
CA PHE A 130 -0.52 -13.72 -2.24
C PHE A 130 0.86 -14.33 -2.51
N GLY A 131 1.92 -13.60 -2.21
CA GLY A 131 3.28 -14.06 -2.46
C GLY A 131 3.74 -15.25 -1.62
N ARG A 132 5.00 -15.62 -1.84
CA ARG A 132 5.56 -16.82 -1.23
C ARG A 132 5.52 -16.81 0.28
N THR A 133 5.28 -17.99 0.86
CA THR A 133 5.11 -18.15 2.30
C THR A 133 6.46 -18.36 2.97
N HIS A 134 7.46 -18.64 2.16
CA HIS A 134 8.87 -18.52 2.56
C HIS A 134 9.75 -18.43 1.33
N GLU A 135 11.02 -18.07 1.53
CA GLU A 135 11.95 -17.79 0.43
C GLU A 135 11.87 -18.82 -0.72
N LYS A 136 11.89 -20.10 -0.38
CA LYS A 136 11.95 -21.17 -1.39
C LYS A 136 10.58 -21.80 -1.63
N GLY A 137 9.57 -21.30 -0.92
CA GLY A 137 8.23 -21.85 -1.02
C GLY A 137 7.51 -21.51 -2.31
N ARG A 138 6.25 -21.89 -2.36
CA ARG A 138 5.38 -21.54 -3.48
C ARG A 138 4.49 -20.37 -3.04
N GLN A 139 3.73 -19.82 -3.97
CA GLN A 139 2.87 -18.70 -3.70
C GLN A 139 1.66 -19.10 -2.88
N SER A 140 1.25 -18.22 -1.98
CA SER A 140 0.08 -18.47 -1.18
C SER A 140 -1.19 -18.46 -2.07
N THR A 141 -2.07 -19.43 -1.87
CA THR A 141 -3.42 -19.38 -2.44
C THR A 141 -4.36 -18.61 -1.51
N ARG A 142 -3.84 -18.20 -0.35
CA ARG A 142 -4.59 -17.32 0.57
C ARG A 142 -3.99 -15.93 0.62
N LEU A 143 -4.84 -14.91 0.58
CA LEU A 143 -4.38 -13.55 0.83
C LEU A 143 -3.97 -13.37 2.27
N LYS A 144 -2.77 -12.86 2.47
CA LYS A 144 -2.24 -12.68 3.82
C LYS A 144 -1.84 -11.23 4.09
N MET A 145 -1.85 -10.87 5.37
CA MET A 145 -1.38 -9.58 5.84
C MET A 145 -0.37 -9.78 6.97
N LEU A 146 0.53 -8.80 7.11
CA LEU A 146 1.57 -8.85 8.14
C LEU A 146 1.86 -7.44 8.64
N GLU A 147 1.86 -7.30 9.97
CA GLU A 147 2.29 -6.07 10.62
C GLU A 147 3.82 -5.99 10.60
N VAL A 148 4.37 -4.92 10.02
CA VAL A 148 5.83 -4.74 9.88
C VAL A 148 6.30 -3.41 10.47
N PRO A 149 7.18 -3.46 11.48
CA PRO A 149 7.70 -2.20 12.07
C PRO A 149 8.40 -1.31 11.05
N TYR A 150 8.18 0.00 11.12
CA TYR A 150 9.08 0.91 10.41
C TYR A 150 10.50 0.72 10.91
N VAL A 151 11.45 0.68 9.99
CA VAL A 151 12.85 0.46 10.34
C VAL A 151 13.66 1.75 10.16
N ASP A 152 14.43 2.09 11.18
CA ASP A 152 15.32 3.23 11.10
C ASP A 152 16.16 3.25 9.81
N ARG A 153 16.15 4.40 9.15
CA ARG A 153 16.75 4.60 7.84
C ARG A 153 18.25 4.26 7.78
N ASN A 154 19.00 4.66 8.80
CA ASN A 154 20.43 4.40 8.83
C ASN A 154 20.79 2.95 9.15
N SER A 155 20.01 2.29 10.00
CA SER A 155 20.13 0.84 10.21
C SER A 155 19.89 0.10 8.90
N CYS A 156 18.87 0.54 8.16
CA CYS A 156 18.56 -0.13 6.93
C CYS A 156 19.65 0.00 5.90
N LYS A 157 20.22 1.21 5.78
CA LYS A 157 21.31 1.45 4.83
C LYS A 157 22.50 0.58 5.16
N LEU A 158 22.79 0.47 6.45
CA LEU A 158 23.91 -0.35 6.92
C LEU A 158 23.65 -1.82 6.66
N SER A 159 22.40 -2.24 6.79
CA SER A 159 22.02 -3.62 6.59
C SER A 159 22.05 -4.06 5.12
N SER A 160 22.03 -3.11 4.20
CA SER A 160 21.81 -3.41 2.78
C SER A 160 23.07 -3.46 1.92
N SER A 161 23.12 -4.46 1.05
CA SER A 161 24.20 -4.64 0.07
C SER A 161 24.02 -3.75 -1.16
N PHE A 162 22.85 -3.13 -1.29
CA PHE A 162 22.50 -2.29 -2.46
C PHE A 162 22.06 -0.91 -1.98
N ILE A 163 22.22 0.13 -2.80
CA ILE A 163 21.84 1.49 -2.36
C ILE A 163 20.34 1.65 -1.99
N ILE A 164 20.09 2.37 -0.89
CA ILE A 164 18.74 2.74 -0.47
C ILE A 164 18.57 4.22 -0.82
N THR A 165 17.81 4.48 -1.87
CA THR A 165 17.63 5.85 -2.31
C THR A 165 16.59 6.56 -1.46
N GLN A 166 16.46 7.87 -1.70
CA GLN A 166 15.47 8.72 -1.05
C GLN A 166 14.00 8.30 -1.32
N ASN A 167 13.81 7.45 -2.34
CA ASN A 167 12.50 6.96 -2.80
C ASN A 167 12.19 5.58 -2.24
N MET A 168 12.94 5.17 -1.23
CA MET A 168 12.73 3.87 -0.60
C MET A 168 12.72 4.03 0.90
N PHE A 169 12.00 3.16 1.59
CA PHE A 169 12.15 3.03 3.03
C PHE A 169 12.17 1.55 3.41
N CYS A 170 12.46 1.28 4.66
CA CYS A 170 12.62 -0.07 5.13
C CYS A 170 11.62 -0.41 6.23
N ALA A 171 11.18 -1.66 6.23
CA ALA A 171 10.22 -2.10 7.22
C ALA A 171 10.38 -3.59 7.38
N GLY A 172 10.02 -4.08 8.55
CA GLY A 172 10.15 -5.50 8.83
C GLY A 172 10.93 -5.74 10.11
N TYR A 173 11.63 -6.85 10.12
CA TYR A 173 12.23 -7.35 11.34
C TYR A 173 13.65 -7.75 11.04
N ASP A 174 14.53 -7.55 12.01
CA ASP A 174 15.94 -7.90 11.88
C ASP A 174 16.13 -9.42 11.77
N THR A 175 15.67 -10.17 12.77
CA THR A 175 15.82 -11.62 12.79
C THR A 175 14.49 -12.37 12.77
N LYS A 176 13.42 -11.77 13.31
CA LYS A 176 12.13 -12.48 13.33
C LYS A 176 11.70 -12.90 11.91
N GLN A 177 11.22 -14.13 11.78
CA GLN A 177 10.89 -14.74 10.49
C GLN A 177 9.54 -14.29 9.91
N GLU A 178 9.45 -12.99 9.63
CA GLU A 178 8.25 -12.39 9.04
C GLU A 178 8.73 -11.31 8.09
N ASP A 179 8.09 -11.28 6.91
CA ASP A 179 8.52 -10.44 5.79
C ASP A 179 7.52 -10.58 4.64
N ALA A 180 7.60 -9.68 3.68
CA ALA A 180 6.98 -9.87 2.39
C ALA A 180 7.92 -10.81 1.65
N CYS A 181 7.51 -11.30 0.50
CA CYS A 181 8.35 -12.21 -0.29
C CYS A 181 8.00 -12.12 -1.79
N GLN A 182 8.58 -13.01 -2.59
CA GLN A 182 8.38 -12.99 -4.01
C GLN A 182 6.90 -13.19 -4.34
N GLY A 183 6.38 -12.32 -5.21
CA GLY A 183 4.95 -12.32 -5.54
C GLY A 183 4.13 -11.24 -4.87
N ASP A 184 4.64 -10.72 -3.74
CA ASP A 184 3.97 -9.64 -3.01
C ASP A 184 4.32 -8.28 -3.59
N SER A 185 5.39 -8.23 -4.38
CA SER A 185 5.84 -6.98 -5.01
C SER A 185 4.70 -6.23 -5.68
N GLY A 186 4.74 -4.90 -5.61
CA GLY A 186 3.71 -4.04 -6.20
C GLY A 186 2.53 -3.83 -5.26
N GLY A 187 2.42 -4.69 -4.25
CA GLY A 187 1.27 -4.72 -3.33
C GLY A 187 1.23 -3.60 -2.31
N PRO A 188 0.18 -3.59 -1.47
CA PRO A 188 -0.05 -2.53 -0.48
C PRO A 188 0.86 -2.59 0.74
N HIS A 189 1.43 -1.43 1.09
CA HIS A 189 1.90 -1.16 2.43
C HIS A 189 1.04 -0.01 2.91
N VAL A 190 0.21 -0.26 3.92
CA VAL A 190 -0.63 0.81 4.47
C VAL A 190 -0.37 1.02 5.95
N THR A 191 -0.78 2.19 6.45
CA THR A 191 -0.72 2.52 7.87
C THR A 191 -2.10 2.91 8.39
N ARG A 192 -2.46 2.32 9.52
CA ARG A 192 -3.73 2.61 10.15
C ARG A 192 -3.59 3.84 11.06
N PHE A 193 -4.56 4.73 10.96
CA PHE A 193 -4.64 5.87 11.86
C PHE A 193 -6.11 6.11 12.17
N LYS A 194 -6.49 5.91 13.42
CA LYS A 194 -7.89 5.98 13.85
C LYS A 194 -8.81 5.20 12.93
N ASP A 195 -8.55 3.91 12.78
CA ASP A 195 -9.44 3.01 12.00
C ASP A 195 -9.58 3.39 10.52
N THR A 196 -8.62 4.13 10.00
CA THR A 196 -8.60 4.46 8.58
C THR A 196 -7.22 4.17 8.02
N TYR A 197 -7.20 3.54 6.85
CA TYR A 197 -5.97 3.00 6.29
C TYR A 197 -5.48 3.82 5.12
N PHE A 198 -4.27 4.34 5.26
CA PHE A 198 -3.59 5.13 4.23
C PHE A 198 -2.45 4.34 3.58
N VAL A 199 -2.33 4.46 2.26
CA VAL A 199 -1.19 3.91 1.52
C VAL A 199 0.09 4.66 1.91
N THR A 200 1.09 3.91 2.36
CA THR A 200 2.35 4.48 2.80
C THR A 200 3.54 3.89 2.03
N GLY A 201 3.32 2.77 1.35
CA GLY A 201 4.40 2.17 0.57
C GLY A 201 3.94 1.20 -0.49
N ILE A 202 4.89 0.82 -1.33
CA ILE A 202 4.69 -0.24 -2.33
C ILE A 202 5.78 -1.30 -2.09
N VAL A 203 5.37 -2.56 -1.95
CA VAL A 203 6.31 -3.67 -1.83
C VAL A 203 7.29 -3.61 -3.02
N SER A 204 8.58 -3.42 -2.73
CA SER A 204 9.54 -3.22 -3.81
C SER A 204 10.55 -4.35 -3.95
N TRP A 205 11.40 -4.52 -2.93
CA TRP A 205 12.41 -5.59 -2.98
C TRP A 205 12.97 -6.00 -1.62
N GLY A 206 13.74 -7.09 -1.63
CA GLY A 206 14.48 -7.57 -0.47
C GLY A 206 15.54 -8.57 -0.88
N GLU A 207 16.56 -8.73 -0.05
CA GLU A 207 17.57 -9.77 -0.23
C GLU A 207 17.07 -11.07 0.40
N GLY A 208 16.48 -11.94 -0.42
CA GLY A 208 15.70 -13.07 0.07
C GLY A 208 14.44 -12.62 0.78
N CYS A 209 13.94 -13.46 1.69
CA CYS A 209 12.73 -13.14 2.43
C CYS A 209 12.94 -13.51 3.89
N ALA A 210 12.80 -12.53 4.77
CA ALA A 210 12.97 -12.77 6.20
C ALA A 210 14.37 -13.21 6.62
N ARG A 211 15.36 -13.02 5.75
CA ARG A 211 16.78 -13.22 6.12
C ARG A 211 17.23 -12.35 7.29
N LYS A 212 17.97 -12.95 8.22
CA LYS A 212 18.56 -12.24 9.37
C LYS A 212 19.36 -11.03 8.91
N GLY A 213 19.16 -9.91 9.59
CA GLY A 213 19.88 -8.67 9.27
C GLY A 213 19.47 -7.99 7.99
N LYS A 214 18.35 -8.40 7.39
CA LYS A 214 17.84 -7.80 6.17
C LYS A 214 16.38 -7.41 6.34
N TYR A 215 15.99 -6.28 5.73
CA TYR A 215 14.64 -5.75 5.89
C TYR A 215 13.88 -5.75 4.56
N GLY A 216 12.58 -5.48 4.63
CA GLY A 216 11.78 -5.29 3.42
C GLY A 216 11.98 -3.87 2.91
N ILE A 217 12.16 -3.73 1.60
CA ILE A 217 12.32 -2.39 1.01
C ILE A 217 11.11 -1.99 0.16
N TYR A 218 10.57 -0.82 0.47
CA TYR A 218 9.30 -0.33 -0.07
C TYR A 218 9.53 1.00 -0.74
N THR A 219 8.83 1.23 -1.85
CA THR A 219 8.78 2.55 -2.48
C THR A 219 8.11 3.54 -1.53
N LYS A 220 8.73 4.69 -1.34
CA LYS A 220 8.23 5.69 -0.42
C LYS A 220 7.15 6.47 -1.15
N VAL A 221 5.89 6.05 -0.95
CA VAL A 221 4.76 6.60 -1.68
C VAL A 221 4.63 8.11 -1.41
N THR A 222 4.96 8.52 -0.19
CA THR A 222 4.82 9.92 0.17
C THR A 222 5.69 10.85 -0.68
N ALA A 223 6.71 10.31 -1.34
CA ALA A 223 7.57 11.10 -2.24
C ALA A 223 6.93 11.25 -3.63
N PHE A 224 5.88 10.44 -3.86
CA PHE A 224 5.24 10.32 -5.16
C PHE A 224 3.77 10.77 -5.20
N LEU A 225 3.35 11.52 -4.20
CA LEU A 225 1.96 11.98 -4.13
C LEU A 225 1.54 12.97 -5.21
N LYS A 226 2.42 13.88 -5.63
CA LYS A 226 2.06 14.74 -6.76
C LYS A 226 2.09 13.95 -8.05
N TRP A 227 3.07 13.06 -8.19
CA TRP A 227 3.16 12.16 -9.33
C TRP A 227 1.90 11.27 -9.54
N ILE A 228 1.39 10.72 -8.43
CA ILE A 228 0.23 9.83 -8.45
C ILE A 228 -1.01 10.61 -8.83
N ASP A 229 -1.21 11.75 -8.17
CA ASP A 229 -2.27 12.72 -8.48
C ASP A 229 -2.27 13.10 -9.97
N ARG A 230 -1.13 13.57 -10.48
CA ARG A 230 -0.97 13.77 -11.93
C ARG A 230 -1.41 12.55 -12.75
N SER A 231 -0.88 11.38 -12.39
CA SER A 231 -1.17 10.16 -13.15
C SER A 231 -2.66 9.79 -13.16
N MET A 232 -3.39 10.13 -12.10
CA MET A 232 -4.82 9.85 -12.02
C MET A 232 -5.63 10.96 -12.69
N LYS A 233 -4.89 11.89 -13.32
CA LYS A 233 -5.42 13.03 -14.09
C LYS A 233 -6.40 13.89 -13.32
N THR B 1 8.54 20.58 23.37
CA THR B 1 7.17 20.29 23.90
C THR B 1 6.14 20.23 22.79
N ARG B 2 5.45 19.09 22.74
CA ARG B 2 4.42 18.81 21.76
C ARG B 2 3.35 19.88 21.79
N LYS B 3 3.09 20.43 20.60
CA LYS B 3 2.11 21.49 20.42
C LYS B 3 1.37 21.25 19.12
N LEU B 4 0.18 21.82 19.01
CA LEU B 4 -0.60 21.80 17.77
C LEU B 4 -0.71 20.37 17.18
N CYS B 5 -0.29 20.18 15.94
CA CYS B 5 -0.42 18.88 15.31
C CYS B 5 0.43 17.80 15.98
N SER B 6 1.40 18.21 16.78
CA SER B 6 2.23 17.25 17.53
C SER B 6 1.60 16.81 18.84
N LEU B 7 0.53 17.47 19.24
CA LEU B 7 -0.22 17.07 20.42
C LEU B 7 -1.46 16.31 19.98
N ASP B 8 -1.41 14.98 20.07
CA ASP B 8 -2.51 14.12 19.64
C ASP B 8 -3.15 14.50 18.27
N ASN B 9 -2.29 14.81 17.30
CA ASN B 9 -2.75 15.12 15.92
C ASN B 9 -3.66 16.35 15.83
N GLY B 10 -3.55 17.26 16.80
CA GLY B 10 -4.41 18.44 16.89
C GLY B 10 -5.89 18.12 17.10
N ASP B 11 -6.18 16.90 17.54
CA ASP B 11 -7.58 16.42 17.74
C ASP B 11 -8.29 16.16 16.39
N CYS B 12 -7.56 16.26 15.28
CA CYS B 12 -8.10 15.93 13.94
C CYS B 12 -8.28 14.42 13.75
N ASP B 13 -9.29 14.03 12.98
CA ASP B 13 -9.47 12.64 12.57
C ASP B 13 -8.39 12.16 11.60
N GLN B 14 -8.05 13.02 10.63
CA GLN B 14 -7.11 12.64 9.59
C GLN B 14 -5.98 13.64 9.53
N PHE B 15 -5.90 14.43 8.45
CA PHE B 15 -4.78 15.36 8.23
C PHE B 15 -4.83 16.53 9.21
N CYS B 16 -3.65 16.91 9.71
CA CYS B 16 -3.50 18.09 10.57
C CYS B 16 -2.39 18.95 9.98
N HIS B 17 -2.65 20.25 9.91
CA HIS B 17 -1.71 21.25 9.40
C HIS B 17 -1.64 22.37 10.40
N GLU B 18 -0.47 22.98 10.51
CA GLU B 18 -0.32 24.14 11.40
C GLU B 18 -0.27 25.41 10.57
N GLU B 19 -1.23 26.30 10.81
CA GLU B 19 -1.25 27.61 10.17
C GLU B 19 -1.27 28.69 11.25
N GLN B 20 -0.46 29.74 11.04
CA GLN B 20 -0.17 30.73 12.08
C GLN B 20 0.20 29.96 13.33
N ASN B 21 -0.50 30.19 14.44
CA ASN B 21 -0.29 29.33 15.58
C ASN B 21 -1.50 28.49 15.93
N SER B 22 -2.03 27.82 14.91
CA SER B 22 -3.32 27.20 14.97
C SER B 22 -3.39 25.91 14.15
N VAL B 23 -4.13 24.93 14.68
CA VAL B 23 -4.31 23.63 14.06
C VAL B 23 -5.40 23.77 12.99
N VAL B 24 -5.13 23.28 11.79
CA VAL B 24 -6.17 23.16 10.75
C VAL B 24 -6.27 21.69 10.37
N CYS B 25 -7.46 21.12 10.54
CA CYS B 25 -7.74 19.74 10.22
C CYS B 25 -8.28 19.64 8.79
N SER B 26 -8.01 18.52 8.12
CA SER B 26 -8.68 18.21 6.85
C SER B 26 -8.85 16.69 6.67
N CYS B 27 -9.37 16.28 5.52
CA CYS B 27 -9.78 14.90 5.30
C CYS B 27 -9.38 14.38 3.92
N ALA B 28 -9.23 13.07 3.81
CA ALA B 28 -8.99 12.45 2.52
C ALA B 28 -10.16 12.72 1.57
N ARG B 29 -9.86 12.58 0.28
CA ARG B 29 -10.84 12.68 -0.77
C ARG B 29 -11.94 11.66 -0.52
N GLY B 30 -13.18 12.13 -0.59
CA GLY B 30 -14.34 11.30 -0.34
C GLY B 30 -14.85 11.46 1.06
N TYR B 31 -14.22 12.37 1.82
CA TYR B 31 -14.66 12.69 3.17
C TYR B 31 -14.88 14.18 3.27
N THR B 32 -15.78 14.56 4.14
CA THR B 32 -16.02 15.95 4.39
C THR B 32 -15.73 16.27 5.85
N LEU B 33 -15.09 17.41 6.11
CA LEU B 33 -14.82 17.82 7.48
C LEU B 33 -16.15 18.13 8.17
N ALA B 34 -16.33 17.62 9.38
CA ALA B 34 -17.55 17.84 10.16
C ALA B 34 -17.66 19.29 10.61
N ASP B 35 -18.82 19.65 11.17
CA ASP B 35 -19.10 20.98 11.67
C ASP B 35 -18.13 21.42 12.76
N ASN B 36 -17.69 20.47 13.60
CA ASN B 36 -16.70 20.79 14.61
C ASN B 36 -15.31 21.04 14.05
N GLY B 37 -15.17 21.01 12.73
CA GLY B 37 -13.88 21.27 12.08
C GLY B 37 -12.78 20.24 12.36
N LYS B 38 -13.16 19.10 12.94
CA LYS B 38 -12.20 18.08 13.35
C LYS B 38 -12.46 16.67 12.81
N ALA B 39 -13.71 16.20 12.92
CA ALA B 39 -14.06 14.87 12.44
C ALA B 39 -14.18 14.85 10.91
N CYS B 40 -13.96 13.67 10.31
CA CYS B 40 -14.11 13.47 8.87
C CYS B 40 -15.30 12.55 8.58
N ILE B 41 -16.20 12.98 7.71
CA ILE B 41 -17.43 12.23 7.42
C ILE B 41 -17.40 11.70 5.99
N PRO B 42 -17.62 10.39 5.80
CA PRO B 42 -17.73 9.81 4.47
C PRO B 42 -18.88 10.43 3.73
N THR B 43 -18.67 10.81 2.47
CA THR B 43 -19.73 11.45 1.71
C THR B 43 -20.68 10.39 1.13
N GLY B 44 -20.16 9.21 0.88
CA GLY B 44 -20.95 8.16 0.28
C GLY B 44 -20.43 6.78 0.63
N PRO B 45 -20.87 5.76 -0.13
CA PRO B 45 -20.59 4.35 0.17
C PRO B 45 -19.14 3.96 -0.17
N TYR B 46 -18.62 3.01 0.62
CA TYR B 46 -17.25 2.49 0.51
C TYR B 46 -16.19 3.59 0.43
N PRO B 47 -16.11 4.44 1.49
CA PRO B 47 -15.09 5.50 1.49
C PRO B 47 -13.69 4.86 1.62
N CYS B 48 -12.65 5.54 1.16
CA CYS B 48 -11.31 4.96 1.21
C CYS B 48 -10.89 4.71 2.64
N GLY B 49 -10.04 3.71 2.83
CA GLY B 49 -9.39 3.53 4.12
C GLY B 49 -10.18 2.70 5.10
N LYS B 50 -11.42 2.37 4.75
CA LYS B 50 -12.30 1.62 5.66
C LYS B 50 -12.43 0.15 5.22
N GLN B 51 -12.10 -0.76 6.14
CA GLN B 51 -12.37 -2.20 5.91
C GLN B 51 -13.88 -2.35 5.70
N THR B 52 -14.30 -3.33 4.91
CA THR B 52 -15.71 -3.47 4.53
C THR B 52 -16.44 -4.43 5.47
N LEU B 53 -17.64 -4.05 5.92
CA LEU B 53 -18.47 -4.93 6.78
C LEU B 53 -19.74 -5.40 6.07
N GLU B 54 -20.09 -4.72 4.98
CA GLU B 54 -21.19 -5.15 4.11
C GLU B 54 -20.87 -4.89 2.64
CA CA C . 15.20 -9.69 8.61
CA CA D . -11.51 -16.74 -4.85
C1 D1Q E . 10.49 -8.22 -1.62
C2 D1Q E . 9.90 -7.09 -1.05
C3 D1Q E . 9.90 -6.97 0.33
C4 D1Q E . 10.46 -7.95 1.16
C5 D1Q E . 11.06 -9.07 0.60
C6 D1Q E . 11.07 -9.21 -0.80
CL7 D1Q E . 9.16 -5.53 1.01
N8 D1Q E . 11.88 -10.26 -1.37
C9 D1Q E . 11.78 -10.88 -2.54
C10 D1Q E . 12.61 -12.13 -2.67
C11 D1Q E . 13.02 -12.43 -4.12
C12 D1Q E . 14.20 -13.42 -4.08
C13 D1Q E . 15.54 -13.04 -4.30
C14 D1Q E . 16.53 -14.03 -4.22
C15 D1Q E . 16.19 -15.36 -3.92
C16 D1Q E . 14.86 -15.71 -3.70
C17 D1Q E . 13.87 -14.75 -3.78
O18 D1Q E . 11.10 -10.50 -3.50
N19 D1Q E . 15.89 -11.65 -4.61
C20 D1Q E . 16.85 -10.86 -4.14
C21 D1Q E . 16.96 -9.48 -4.74
O22 D1Q E . 17.63 -11.15 -3.25
C23 D1Q E . 17.27 -16.40 -3.86
O24 D1Q E . 17.18 -17.36 -3.04
O25 D1Q E . 18.22 -16.26 -4.66
N26 D1Q E . 16.12 -8.90 -5.61
C27 D1Q E . 16.58 -7.66 -5.88
C28 D1Q E . 17.74 -7.32 -5.22
S29 D1Q E . 18.30 -8.58 -4.22
C30 D1Q E . 18.48 -5.99 -5.35
N31 D1Q E . 17.94 -5.16 -6.48
C32 D1Q E . 16.43 -5.22 -6.66
C33 D1Q E . 15.90 -6.67 -6.84
C34 D1Q E . 18.61 -3.84 -6.67
C35 D1Q E . 18.45 -3.40 -8.13
C36 D1Q E . 18.15 -2.74 -5.69
#